data_3N5E
#
_entry.id   3N5E
#
_cell.length_a   96.109
_cell.length_b   96.109
_cell.length_c   82.240
_cell.angle_alpha   90.00
_cell.angle_beta   90.00
_cell.angle_gamma   120.00
#
_symmetry.space_group_name_H-M   'P 31'
#
loop_
_entity.id
_entity.type
_entity.pdbx_description
1 polymer 'Thymidylate synthase'
2 polymer 'Thymidylate synthase'
3 polymer 'Synthetic peptide LR'
4 non-polymer 'SULFATE ION'
5 water water
#
loop_
_entity_poly.entity_id
_entity_poly.type
_entity_poly.pdbx_seq_one_letter_code
_entity_poly.pdbx_strand_id
1 'polypeptide(L)'
;MRGSHHHHHHGSMPVAGSELPRRPLPPAAQERDAEPRPPHGELQYLGQIQHILR(SCH)GVRKDDRTGTGTLSVFGMQAR
YSLRDEFPLLTTKRVFWKGVLEELLWFIKGSTNAKELSSKGVKIWDANGSRDFLDSLGFSTREEGDLGPVYGFQWRHFGA
EYRDMESDYSGQGVDQLQRVIDTIKTNPDDRRIIM(SCH)AWNPRDLPLMALPP(SCH)HALCQFYVVNSELSCQLYQRS
GDMGLGVPFNIASYALLTYMIAHITGLKPGDFIHTLGDAHIYLNHIEPLKIQLQREPRPFPKLRILRKVEKIDDFKAEDF
QIEGYNPHPTIKMEMAV
;
A
2 'polypeptide(L)'
;MRGSHHHHHHGSMPVAGSELPRRPLPPAAQERDAEPRPPHGELQYLGQIQHILR(SCH)GVRKDDRTGTGTLSVFGMQAR
YSLRDEFPLLTTKRVFWKGVLEELLWFIKGSTNAKELSSKGVKIWDANGSRDFLDSLGFSTREEGDLGPVYGFQWRHFGA
EYRDMESDYSGQGVDQLQRVIDTIKTNPDDRRIIMCAWNPRDLPLMALPP(SCH)HALCQFYVVNSELSCQLYQRSGDMG
LGVPFNIASYALLTYMIAHITGLKPGDFIHTLGDAHIYLNHIEPLKIQLQREPRPFPKLRILRKVEKIDDFKAEDFQIEG
YNPHPTIKMEMAV
;
B
3 'polypeptide(L)' LSCQLYQR D
#
# COMPACT_ATOMS: atom_id res chain seq x y z
N PRO A 38 -21.83 -12.20 14.31
CA PRO A 38 -20.59 -11.57 13.81
C PRO A 38 -20.64 -10.03 13.91
N PRO A 39 -19.51 -9.39 14.30
CA PRO A 39 -19.50 -7.96 14.58
C PRO A 39 -19.72 -7.08 13.33
N HIS A 40 -20.41 -5.95 13.51
CA HIS A 40 -20.70 -5.00 12.44
C HIS A 40 -19.39 -4.37 11.97
N GLY A 41 -19.13 -4.38 10.66
CA GLY A 41 -17.89 -3.81 10.12
C GLY A 41 -17.59 -2.34 10.38
N GLU A 42 -18.62 -1.51 10.60
CA GLU A 42 -18.40 -0.09 10.95
C GLU A 42 -17.67 0.01 12.30
N LEU A 43 -17.79 -0.98 13.17
CA LEU A 43 -16.97 -0.99 14.39
C LEU A 43 -15.45 -0.83 14.16
N GLN A 44 -14.95 -1.29 13.03
CA GLN A 44 -13.53 -1.05 12.72
C GLN A 44 -13.24 0.42 12.52
N TYR A 45 -14.07 1.10 11.74
CA TYR A 45 -13.93 2.52 11.53
C TYR A 45 -14.06 3.28 12.85
N LEU A 46 -15.05 2.93 13.66
CA LEU A 46 -15.19 3.56 14.98
C LEU A 46 -13.96 3.32 15.90
N GLY A 47 -13.42 2.11 15.90
CA GLY A 47 -12.22 1.79 16.71
C GLY A 47 -10.97 2.54 16.24
N GLN A 48 -10.88 2.78 14.94
CA GLN A 48 -9.77 3.58 14.42
C GLN A 48 -9.86 5.04 14.85
N ILE A 49 -11.07 5.62 14.83
CA ILE A 49 -11.26 6.97 15.34
C ILE A 49 -10.85 7.01 16.83
N GLN A 50 -11.39 6.08 17.58
CA GLN A 50 -11.11 6.03 19.01
C GLN A 50 -9.59 5.88 19.30
N HIS A 51 -8.91 4.98 18.57
CA HIS A 51 -7.44 4.81 18.70
C HIS A 51 -6.64 6.09 18.38
N ILE A 52 -7.02 6.80 17.32
CA ILE A 52 -6.39 8.09 16.99
C ILE A 52 -6.65 9.15 18.06
N LEU A 53 -7.87 9.24 18.57
CA LEU A 53 -8.14 10.23 19.61
C LEU A 53 -7.28 9.98 20.87
N ARG A 54 -7.11 8.70 21.22
CA ARG A 54 -6.39 8.30 22.43
C ARG A 54 -4.87 8.26 22.21
N GLY A 56 -3.13 9.05 19.00
CA GLY A 56 -2.58 9.91 17.96
C GLY A 56 -1.69 11.02 18.50
N VAL A 57 -0.72 11.42 17.71
CA VAL A 57 0.16 12.51 18.09
C VAL A 57 -0.14 13.71 17.19
N ARG A 58 0.22 14.91 17.66
CA ARG A 58 0.01 16.13 16.89
C ARG A 58 0.98 16.23 15.73
N LYS A 59 0.46 16.55 14.55
CA LYS A 59 1.26 16.63 13.33
C LYS A 59 0.53 17.61 12.42
N ASP A 60 1.25 18.57 11.83
CA ASP A 60 0.65 19.53 10.88
C ASP A 60 0.51 18.95 9.49
N ASP A 61 -0.52 19.36 8.75
CA ASP A 61 -0.61 19.00 7.33
C ASP A 61 0.16 20.08 6.56
N ARG A 62 0.14 20.04 5.23
CA ARG A 62 0.97 20.96 4.45
C ARG A 62 0.63 22.44 4.62
N THR A 63 -0.57 22.74 5.11
CA THR A 63 -1.00 24.15 5.31
C THR A 63 -0.71 24.60 6.74
N GLY A 64 -0.18 23.69 7.55
CA GLY A 64 0.13 24.00 8.94
C GLY A 64 -1.11 23.87 9.80
N THR A 65 -2.10 23.11 9.32
CA THR A 65 -3.32 22.86 10.10
C THR A 65 -3.11 21.57 10.90
N GLY A 66 -3.47 21.60 12.18
CA GLY A 66 -3.20 20.50 13.11
C GLY A 66 -4.07 19.27 12.96
N THR A 67 -3.46 18.12 13.17
CA THR A 67 -4.20 16.85 13.18
C THR A 67 -3.70 16.02 14.33
N LEU A 68 -4.48 15.01 14.69
CA LEU A 68 -3.99 13.92 15.50
C LEU A 68 -3.75 12.78 14.52
N SER A 69 -2.58 12.15 14.61
CA SER A 69 -2.08 11.26 13.54
C SER A 69 -1.55 9.96 14.08
N VAL A 70 -1.86 8.88 13.37
CA VAL A 70 -1.29 7.55 13.62
C VAL A 70 -0.83 7.05 12.26
N PHE A 71 0.35 6.43 12.20
CA PHE A 71 0.86 5.89 10.95
C PHE A 71 0.62 4.39 10.81
N GLY A 72 -0.11 3.96 9.77
CA GLY A 72 -0.29 2.52 9.52
C GLY A 72 -1.56 1.95 10.14
N MET A 73 -2.59 1.77 9.33
CA MET A 73 -3.87 1.22 9.84
C MET A 73 -4.48 0.34 8.76
N GLN A 74 -5.40 -0.53 9.15
CA GLN A 74 -6.09 -1.36 8.18
C GLN A 74 -7.41 -1.80 8.76
N ALA A 75 -8.43 -1.81 7.90
CA ALA A 75 -9.78 -2.29 8.21
C ALA A 75 -10.26 -3.15 7.03
N ARG A 76 -11.08 -4.15 7.34
CA ARG A 76 -11.65 -5.02 6.31
C ARG A 76 -13.17 -4.97 6.35
N TYR A 77 -13.78 -4.66 5.21
CA TYR A 77 -15.25 -4.57 5.12
C TYR A 77 -15.74 -5.62 4.16
N SER A 78 -16.60 -6.51 4.65
CA SER A 78 -17.22 -7.50 3.79
C SER A 78 -18.12 -6.86 2.74
N LEU A 79 -18.04 -7.30 1.50
CA LEU A 79 -18.98 -6.82 0.47
C LEU A 79 -20.03 -7.89 0.15
N ARG A 80 -20.06 -8.96 0.92
CA ARG A 80 -20.94 -10.11 0.65
C ARG A 80 -22.35 -9.86 1.17
N ASP A 81 -23.28 -9.59 0.27
CA ASP A 81 -24.69 -9.40 0.64
C ASP A 81 -24.94 -8.17 1.54
N GLU A 82 -23.99 -7.23 1.58
CA GLU A 82 -24.13 -5.95 2.28
C GLU A 82 -23.19 -4.94 1.59
N PHE A 83 -23.41 -3.66 1.86
CA PHE A 83 -22.60 -2.60 1.28
C PHE A 83 -22.18 -1.61 2.36
N PRO A 84 -20.86 -1.35 2.48
CA PRO A 84 -20.35 -0.60 3.63
C PRO A 84 -20.54 0.92 3.52
N LEU A 85 -21.78 1.37 3.39
CA LEU A 85 -22.08 2.81 3.47
C LEU A 85 -22.33 3.14 4.95
N LEU A 86 -21.46 3.93 5.57
CA LEU A 86 -21.50 4.08 7.04
C LEU A 86 -22.84 4.57 7.56
N THR A 87 -23.20 4.10 8.75
CA THR A 87 -24.49 4.42 9.35
C THR A 87 -24.42 5.32 10.59
N THR A 88 -23.24 5.58 11.13
CA THR A 88 -23.16 6.45 12.30
C THR A 88 -23.31 7.93 11.94
N LYS A 89 -23.30 8.19 10.63
CA LYS A 89 -23.73 9.47 10.08
C LYS A 89 -24.28 9.20 8.69
N ARG A 90 -25.10 10.10 8.18
CA ARG A 90 -25.58 9.94 6.82
C ARG A 90 -24.49 10.34 5.83
N VAL A 91 -24.09 9.39 5.00
CA VAL A 91 -23.11 9.63 3.97
C VAL A 91 -23.85 9.98 2.66
N PHE A 92 -23.39 11.03 1.97
CA PHE A 92 -24.04 11.53 0.74
C PHE A 92 -23.76 10.56 -0.44
N TRP A 93 -24.55 9.48 -0.49
CA TRP A 93 -24.38 8.40 -1.46
C TRP A 93 -24.48 8.88 -2.91
N LYS A 94 -25.40 9.81 -3.19
CA LYS A 94 -25.57 10.37 -4.56
C LYS A 94 -24.26 10.95 -5.12
N GLY A 95 -23.51 11.65 -4.25
CA GLY A 95 -22.24 12.25 -4.65
C GLY A 95 -21.14 11.21 -4.81
N VAL A 96 -21.19 10.16 -4.00
CA VAL A 96 -20.26 9.05 -4.18
C VAL A 96 -20.42 8.50 -5.61
N LEU A 97 -21.65 8.13 -5.95
CA LEU A 97 -21.99 7.52 -7.22
C LEU A 97 -21.64 8.44 -8.38
N GLU A 98 -22.10 9.68 -8.28
CA GLU A 98 -21.98 10.63 -9.37
C GLU A 98 -20.51 10.93 -9.67
N GLU A 99 -19.70 11.09 -8.61
CA GLU A 99 -18.29 11.41 -8.78
C GLU A 99 -17.45 10.21 -9.28
N LEU A 100 -17.78 9.00 -8.82
CA LEU A 100 -17.12 7.81 -9.38
C LEU A 100 -17.38 7.70 -10.92
N LEU A 101 -18.64 7.88 -11.32
CA LEU A 101 -19.05 7.78 -12.70
C LEU A 101 -18.31 8.78 -13.55
N TRP A 102 -18.14 9.97 -12.99
CA TRP A 102 -17.31 11.03 -13.55
C TRP A 102 -15.85 10.58 -13.71
N PHE A 103 -15.28 9.96 -12.68
CA PHE A 103 -13.91 9.45 -12.80
C PHE A 103 -13.81 8.40 -13.90
N ILE A 104 -14.79 7.50 -13.96
CA ILE A 104 -14.83 6.43 -14.95
C ILE A 104 -14.87 6.94 -16.41
N LYS A 105 -15.50 8.08 -16.69
CA LYS A 105 -15.45 8.63 -18.05
C LYS A 105 -14.20 9.49 -18.37
N GLY A 106 -13.31 9.63 -17.39
CA GLY A 106 -12.01 10.28 -17.61
C GLY A 106 -12.08 11.79 -17.74
N SER A 107 -13.09 12.38 -17.12
CA SER A 107 -13.40 13.79 -17.32
C SER A 107 -12.46 14.74 -16.59
N THR A 108 -12.03 15.78 -17.31
CA THR A 108 -11.30 16.91 -16.74
C THR A 108 -12.13 18.21 -16.85
N ASN A 109 -13.44 18.08 -16.57
CA ASN A 109 -14.40 19.18 -16.69
C ASN A 109 -15.35 19.29 -15.47
N ALA A 110 -15.14 20.32 -14.65
CA ALA A 110 -15.89 20.51 -13.40
C ALA A 110 -17.41 20.67 -13.57
N LYS A 111 -17.83 21.19 -14.72
CA LYS A 111 -19.26 21.42 -15.02
C LYS A 111 -20.10 20.13 -15.02
N GLU A 112 -19.50 19.04 -15.52
CA GLU A 112 -20.12 17.71 -15.49
C GLU A 112 -20.27 17.17 -14.06
N LEU A 113 -19.83 17.96 -13.08
CA LEU A 113 -19.93 17.62 -11.67
C LEU A 113 -20.43 18.81 -10.85
N SER A 114 -20.81 19.88 -11.55
CA SER A 114 -21.19 21.14 -10.92
C SER A 114 -22.54 21.10 -10.19
N SER A 115 -23.63 21.26 -10.95
CA SER A 115 -24.97 21.26 -10.37
C SER A 115 -25.49 19.83 -10.16
N LYS A 116 -24.89 19.14 -9.19
CA LYS A 116 -25.27 17.77 -8.83
C LYS A 116 -25.33 17.62 -7.30
N GLY A 117 -24.28 18.07 -6.62
CA GLY A 117 -24.23 18.04 -5.16
C GLY A 117 -22.98 18.65 -4.54
N VAL A 118 -21.81 18.11 -4.90
CA VAL A 118 -20.53 18.56 -4.35
C VAL A 118 -19.74 19.46 -5.32
N LYS A 119 -20.43 20.46 -5.88
CA LYS A 119 -19.83 21.46 -6.78
C LYS A 119 -18.94 20.85 -7.87
N ASP A 142 -10.54 22.39 -18.53
CA ASP A 142 -10.10 23.44 -17.60
C ASP A 142 -9.37 22.87 -16.38
N LEU A 143 -9.44 21.55 -16.19
CA LEU A 143 -8.72 20.89 -15.09
C LEU A 143 -7.30 20.42 -15.49
N GLY A 144 -7.21 19.36 -16.30
CA GLY A 144 -5.92 18.86 -16.76
C GLY A 144 -5.47 17.49 -16.26
N PRO A 145 -5.82 17.11 -14.99
CA PRO A 145 -5.47 15.83 -14.40
C PRO A 145 -6.64 15.01 -13.77
N VAL A 146 -6.76 15.11 -12.49
CA VAL A 146 -7.75 14.41 -11.67
C VAL A 146 -7.69 12.88 -11.83
N TYR A 147 -8.52 12.19 -11.00
CA TYR A 147 -8.44 10.72 -10.98
C TYR A 147 -8.96 10.14 -12.27
N GLY A 148 -9.73 10.91 -13.02
CA GLY A 148 -10.34 10.40 -14.25
C GLY A 148 -9.31 10.23 -15.35
N PHE A 149 -8.60 11.32 -15.65
CA PHE A 149 -7.62 11.34 -16.74
C PHE A 149 -6.50 10.34 -16.50
N GLN A 150 -6.15 10.13 -15.22
CA GLN A 150 -5.08 9.20 -14.88
C GLN A 150 -5.58 7.74 -14.92
N TRP A 151 -6.83 7.50 -14.51
CA TRP A 151 -7.44 6.16 -14.57
C TRP A 151 -7.65 5.67 -16.02
N ARG A 152 -7.92 6.60 -16.94
CA ARG A 152 -8.28 6.25 -18.32
C ARG A 152 -7.19 6.58 -19.35
N HIS A 153 -6.39 7.61 -19.09
CA HIS A 153 -5.39 8.06 -20.08
C HIS A 153 -4.02 8.42 -19.47
N PHE A 154 -3.41 7.52 -18.69
CA PHE A 154 -2.15 7.83 -18.02
C PHE A 154 -0.95 8.14 -18.92
N GLY A 155 -0.30 9.28 -18.65
CA GLY A 155 0.94 9.67 -19.33
C GLY A 155 0.77 10.28 -20.71
N ALA A 156 -0.50 10.39 -21.15
CA ALA A 156 -0.84 10.91 -22.47
C ALA A 156 -0.64 12.41 -22.54
N GLU A 157 -0.23 12.89 -23.71
CA GLU A 157 -0.08 14.32 -23.93
C GLU A 157 -1.41 15.02 -23.71
N TYR A 158 -1.49 15.85 -22.66
CA TYR A 158 -2.68 16.68 -22.46
C TYR A 158 -2.64 17.89 -23.38
N ARG A 159 -3.79 18.21 -23.98
CA ARG A 159 -3.91 19.40 -24.81
C ARG A 159 -5.09 20.26 -24.35
N ASP A 160 -6.30 19.74 -24.51
CA ASP A 160 -7.54 20.44 -24.20
C ASP A 160 -8.46 19.52 -23.38
N MET A 161 -9.50 20.10 -22.75
CA MET A 161 -10.51 19.29 -22.05
C MET A 161 -11.60 18.75 -23.00
N GLU A 162 -11.76 19.39 -24.16
CA GLU A 162 -12.70 18.98 -25.20
C GLU A 162 -11.95 18.25 -26.33
N SER A 163 -10.85 17.60 -25.97
CA SER A 163 -9.97 16.93 -26.94
C SER A 163 -10.17 15.42 -26.97
N ASP A 164 -9.92 14.83 -28.15
CA ASP A 164 -10.07 13.39 -28.35
C ASP A 164 -8.84 12.61 -27.84
N TYR A 165 -9.07 11.75 -26.85
CA TYR A 165 -7.99 10.96 -26.20
C TYR A 165 -8.14 9.43 -26.39
N SER A 166 -9.00 9.01 -27.31
CA SER A 166 -9.31 7.58 -27.56
C SER A 166 -8.08 6.72 -27.92
N GLY A 167 -7.68 5.85 -26.99
CA GLY A 167 -6.50 4.99 -27.18
C GLY A 167 -5.17 5.72 -26.98
N GLN A 168 -5.20 6.80 -26.21
CA GLN A 168 -4.01 7.59 -25.89
C GLN A 168 -3.69 7.46 -24.42
N GLY A 169 -2.44 7.13 -24.12
CA GLY A 169 -2.01 6.81 -22.76
C GLY A 169 -2.39 5.39 -22.37
N VAL A 170 -2.15 5.05 -21.11
CA VAL A 170 -2.50 3.72 -20.60
C VAL A 170 -3.87 3.79 -19.94
N ASP A 171 -4.78 2.92 -20.37
CA ASP A 171 -6.06 2.77 -19.70
C ASP A 171 -5.98 1.81 -18.48
N GLN A 172 -5.61 2.35 -17.31
CA GLN A 172 -5.44 1.54 -16.11
C GLN A 172 -6.68 0.75 -15.74
N LEU A 173 -7.85 1.37 -15.88
CA LEU A 173 -9.10 0.74 -15.50
C LEU A 173 -9.48 -0.43 -16.43
N GLN A 174 -9.42 -0.20 -17.75
CA GLN A 174 -9.68 -1.28 -18.70
C GLN A 174 -8.65 -2.40 -18.53
N ARG A 175 -7.41 -2.03 -18.24
CA ARG A 175 -6.37 -3.04 -18.02
C ARG A 175 -6.64 -3.94 -16.80
N VAL A 176 -7.18 -3.35 -15.73
CA VAL A 176 -7.60 -4.12 -14.57
C VAL A 176 -8.70 -5.13 -14.96
N ILE A 177 -9.73 -4.62 -15.62
CA ILE A 177 -10.84 -5.44 -16.12
C ILE A 177 -10.35 -6.59 -17.06
N ASP A 178 -9.56 -6.25 -18.08
CA ASP A 178 -9.00 -7.27 -18.99
C ASP A 178 -8.17 -8.32 -18.25
N THR A 179 -7.42 -7.90 -17.22
CA THR A 179 -6.55 -8.85 -16.52
C THR A 179 -7.40 -9.82 -15.70
N ILE A 180 -8.43 -9.32 -15.06
CA ILE A 180 -9.34 -10.16 -14.29
C ILE A 180 -9.92 -11.27 -15.14
N LYS A 181 -10.22 -10.93 -16.39
CA LYS A 181 -10.77 -11.85 -17.36
C LYS A 181 -9.72 -12.81 -17.93
N THR A 182 -8.54 -12.31 -18.23
CA THR A 182 -7.55 -13.15 -18.88
C THR A 182 -6.68 -13.92 -17.89
N ASN A 183 -6.49 -13.39 -16.68
CA ASN A 183 -5.70 -14.08 -15.67
C ASN A 183 -6.06 -13.73 -14.24
N PRO A 184 -7.17 -14.32 -13.72
CA PRO A 184 -7.68 -13.92 -12.40
C PRO A 184 -6.70 -14.11 -11.24
N ASP A 185 -5.71 -14.99 -11.40
CA ASP A 185 -4.68 -15.25 -10.39
C ASP A 185 -3.62 -14.13 -10.30
N ASP A 186 -3.61 -13.22 -11.27
CA ASP A 186 -2.54 -12.22 -11.36
C ASP A 186 -2.38 -11.40 -10.06
N ARG A 187 -1.15 -11.26 -9.61
CA ARG A 187 -0.87 -10.46 -8.42
C ARG A 187 -0.59 -9.00 -8.76
N ARG A 188 -0.74 -8.62 -10.03
CA ARG A 188 -0.42 -7.25 -10.48
C ARG A 188 -1.65 -6.44 -10.91
N ILE A 189 -2.81 -6.73 -10.34
CA ILE A 189 -4.02 -6.09 -10.79
C ILE A 189 -4.22 -4.75 -10.06
N ILE A 190 -3.50 -3.74 -10.54
CA ILE A 190 -3.22 -2.56 -9.75
C ILE A 190 -3.55 -1.29 -10.56
N MET A 191 -4.19 -0.34 -9.90
CA MET A 191 -4.53 0.94 -10.52
C MET A 191 -4.18 2.04 -9.53
N ALA A 193 -4.03 6.32 -8.41
CA ALA A 193 -4.54 7.70 -8.57
C ALA A 193 -3.60 8.72 -7.90
N TRP A 194 -3.47 9.89 -8.52
CA TRP A 194 -2.57 10.95 -8.07
C TRP A 194 -3.36 12.19 -7.63
N ASN A 195 -2.88 12.83 -6.57
CA ASN A 195 -3.32 14.20 -6.27
C ASN A 195 -2.83 15.10 -7.41
N PRO A 196 -3.76 15.80 -8.07
CA PRO A 196 -3.40 16.63 -9.23
C PRO A 196 -2.34 17.69 -8.92
N ARG A 197 -2.29 18.18 -7.68
CA ARG A 197 -1.26 19.17 -7.35
C ARG A 197 0.17 18.64 -7.42
N ASP A 198 0.35 17.31 -7.27
CA ASP A 198 1.69 16.74 -7.35
C ASP A 198 2.27 16.64 -8.77
N LEU A 199 1.43 16.69 -9.79
CA LEU A 199 1.87 16.29 -11.13
C LEU A 199 2.90 17.25 -11.74
N PRO A 200 2.71 18.56 -11.57
CA PRO A 200 3.82 19.37 -12.07
C PRO A 200 5.01 19.52 -11.07
N LEU A 201 4.83 19.00 -9.84
CA LEU A 201 5.78 19.22 -8.74
C LEU A 201 7.15 18.58 -8.84
N MET A 202 7.21 17.39 -9.44
CA MET A 202 8.44 16.61 -9.59
C MET A 202 8.24 15.57 -10.69
N ALA A 203 9.33 15.03 -11.24
CA ALA A 203 9.25 13.81 -12.07
C ALA A 203 8.97 12.59 -11.18
N LEU A 204 8.39 11.53 -11.76
CA LEU A 204 7.96 10.36 -11.00
C LEU A 204 7.28 10.72 -9.66
N PRO A 205 6.18 11.51 -9.70
CA PRO A 205 5.54 11.84 -8.43
C PRO A 205 4.83 10.65 -7.83
N PRO A 206 4.84 10.53 -6.50
CA PRO A 206 4.13 9.40 -5.91
C PRO A 206 2.62 9.56 -6.03
N HIS A 208 -1.24 9.17 -4.82
CA HIS A 208 -1.95 9.35 -3.56
C HIS A 208 -2.52 7.99 -3.07
N ALA A 209 -2.99 7.18 -4.02
CA ALA A 209 -3.71 5.95 -3.69
C ALA A 209 -3.36 4.84 -4.65
N LEU A 210 -3.18 3.64 -4.10
CA LEU A 210 -3.04 2.46 -4.94
C LEU A 210 -4.16 1.49 -4.59
N CYS A 211 -4.78 0.96 -5.63
CA CYS A 211 -5.87 0.01 -5.49
C CYS A 211 -5.50 -1.31 -6.16
N GLN A 212 -5.50 -2.39 -5.37
CA GLN A 212 -5.10 -3.73 -5.87
C GLN A 212 -6.32 -4.63 -5.81
N PHE A 213 -6.59 -5.35 -6.90
CA PHE A 213 -7.73 -6.25 -6.96
C PHE A 213 -7.23 -7.65 -6.85
N TYR A 214 -8.10 -8.57 -6.48
CA TYR A 214 -7.70 -9.93 -6.19
C TYR A 214 -8.91 -10.84 -6.40
N VAL A 215 -8.66 -12.01 -6.98
CA VAL A 215 -9.75 -12.92 -7.32
C VAL A 215 -9.42 -14.31 -6.81
N VAL A 216 -10.36 -14.91 -6.06
CA VAL A 216 -10.31 -16.35 -5.80
C VAL A 216 -11.77 -16.83 -5.65
N ASN A 217 -12.03 -18.09 -6.05
CA ASN A 217 -13.38 -18.69 -5.97
C ASN A 217 -14.52 -17.78 -6.44
N SER A 218 -14.35 -17.19 -7.63
CA SER A 218 -15.37 -16.32 -8.23
C SER A 218 -15.75 -15.07 -7.38
N GLU A 219 -14.90 -14.69 -6.41
CA GLU A 219 -15.06 -13.42 -5.65
C GLU A 219 -13.98 -12.40 -5.98
N LEU A 220 -14.39 -11.14 -6.13
CA LEU A 220 -13.46 -10.03 -6.39
C LEU A 220 -13.26 -9.23 -5.11
N SER A 221 -12.02 -9.17 -4.65
CA SER A 221 -11.67 -8.30 -3.53
C SER A 221 -10.83 -7.10 -3.98
N CYS A 222 -10.80 -6.06 -3.14
CA CYS A 222 -10.08 -4.84 -3.45
C CYS A 222 -9.39 -4.32 -2.21
N GLN A 223 -8.12 -3.93 -2.35
CA GLN A 223 -7.42 -3.27 -1.27
C GLN A 223 -7.03 -1.87 -1.76
N LEU A 224 -7.42 -0.87 -0.97
CA LEU A 224 -7.00 0.51 -1.23
C LEU A 224 -5.94 0.89 -0.23
N TYR A 225 -4.77 1.29 -0.75
CA TYR A 225 -3.72 1.88 0.07
C TYR A 225 -3.75 3.38 -0.17
N GLN A 226 -3.99 4.19 0.86
CA GLN A 226 -3.89 5.65 0.68
C GLN A 226 -2.74 6.13 1.55
N ARG A 227 -1.88 6.98 0.99
CA ARG A 227 -0.72 7.46 1.72
C ARG A 227 -1.09 8.34 2.95
N SER A 228 -2.30 8.89 2.91
CA SER A 228 -2.88 9.62 4.03
C SER A 228 -4.40 9.53 3.95
N GLY A 229 -5.06 9.58 5.10
CA GLY A 229 -6.52 9.48 5.11
C GLY A 229 -7.10 10.38 6.17
N ASP A 230 -7.95 11.28 5.72
CA ASP A 230 -8.72 12.19 6.55
C ASP A 230 -9.89 11.38 7.14
N MET A 231 -9.79 10.99 8.41
CA MET A 231 -10.75 10.04 9.00
C MET A 231 -12.16 10.59 9.08
N GLY A 232 -12.27 11.89 9.34
CA GLY A 232 -13.59 12.53 9.47
C GLY A 232 -14.40 12.71 8.19
N LEU A 233 -13.77 13.25 7.15
CA LEU A 233 -14.47 13.55 5.89
C LEU A 233 -14.19 12.57 4.75
N GLY A 234 -12.91 12.33 4.46
CA GLY A 234 -12.49 11.60 3.27
C GLY A 234 -12.69 10.11 3.38
N VAL A 235 -12.39 9.54 4.53
CA VAL A 235 -12.40 8.08 4.67
C VAL A 235 -13.77 7.40 4.45
N PRO A 236 -14.86 7.90 5.11
CA PRO A 236 -16.15 7.26 4.87
C PRO A 236 -16.58 7.28 3.40
N PHE A 237 -16.26 8.37 2.74
CA PHE A 237 -16.55 8.59 1.33
C PHE A 237 -15.71 7.68 0.41
N ASN A 238 -14.42 7.53 0.70
CA ASN A 238 -13.56 6.56 0.00
C ASN A 238 -13.95 5.08 0.19
N ILE A 239 -14.34 4.71 1.41
CA ILE A 239 -14.81 3.36 1.63
C ILE A 239 -15.97 3.07 0.69
N ALA A 240 -16.97 3.99 0.65
CA ALA A 240 -18.12 3.80 -0.23
C ALA A 240 -17.76 3.77 -1.72
N SER A 241 -16.82 4.62 -2.08
CA SER A 241 -16.37 4.84 -3.41
C SER A 241 -15.70 3.57 -3.99
N TYR A 242 -14.73 3.05 -3.28
CA TYR A 242 -14.03 1.86 -3.77
C TYR A 242 -14.83 0.59 -3.59
N ALA A 243 -15.73 0.57 -2.62
CA ALA A 243 -16.68 -0.56 -2.54
C ALA A 243 -17.62 -0.57 -3.77
N LEU A 244 -18.08 0.62 -4.18
CA LEU A 244 -18.91 0.78 -5.39
C LEU A 244 -18.12 0.34 -6.64
N LEU A 245 -16.92 0.87 -6.81
CA LEU A 245 -16.06 0.45 -7.92
C LEU A 245 -15.95 -1.08 -7.98
N THR A 246 -15.79 -1.73 -6.83
CA THR A 246 -15.60 -3.17 -6.77
C THR A 246 -16.86 -3.86 -7.21
N TYR A 247 -18.02 -3.32 -6.79
CA TYR A 247 -19.30 -3.86 -7.21
C TYR A 247 -19.45 -3.75 -8.72
N MET A 248 -19.05 -2.63 -9.29
CA MET A 248 -19.13 -2.42 -10.75
C MET A 248 -18.25 -3.40 -11.53
N ILE A 249 -16.98 -3.50 -11.14
CA ILE A 249 -16.02 -4.38 -11.83
C ILE A 249 -16.44 -5.85 -11.65
N ALA A 250 -16.85 -6.25 -10.43
CA ALA A 250 -17.35 -7.61 -10.23
C ALA A 250 -18.49 -7.93 -11.19
N HIS A 251 -19.42 -6.99 -11.32
CA HIS A 251 -20.61 -7.18 -12.14
C HIS A 251 -20.28 -7.43 -13.60
N ILE A 252 -19.33 -6.69 -14.14
CA ILE A 252 -19.02 -6.87 -15.55
C ILE A 252 -18.02 -8.01 -15.82
N THR A 253 -17.44 -8.57 -14.76
CA THR A 253 -16.51 -9.71 -14.92
C THR A 253 -17.17 -11.01 -14.46
N GLY A 254 -18.44 -10.94 -14.07
CA GLY A 254 -19.21 -12.14 -13.64
C GLY A 254 -18.72 -12.77 -12.33
N LEU A 255 -18.15 -11.95 -11.44
CA LEU A 255 -17.73 -12.36 -10.10
C LEU A 255 -18.65 -11.78 -9.05
N LYS A 256 -18.53 -12.26 -7.82
CA LYS A 256 -19.26 -11.67 -6.70
C LYS A 256 -18.32 -10.77 -5.93
N PRO A 257 -18.81 -9.64 -5.39
CA PRO A 257 -17.95 -8.85 -4.50
C PRO A 257 -17.48 -9.67 -3.29
N GLY A 258 -16.22 -9.49 -2.88
CA GLY A 258 -15.65 -10.25 -1.75
C GLY A 258 -15.43 -9.33 -0.54
N ASP A 259 -14.19 -8.84 -0.37
CA ASP A 259 -13.83 -7.89 0.69
C ASP A 259 -13.27 -6.61 0.13
N PHE A 260 -13.49 -5.52 0.86
CA PHE A 260 -12.78 -4.27 0.63
C PHE A 260 -11.87 -4.08 1.83
N ILE A 261 -10.57 -3.99 1.57
CA ILE A 261 -9.60 -3.78 2.63
C ILE A 261 -9.10 -2.34 2.50
N HIS A 262 -9.16 -1.59 3.60
CA HIS A 262 -8.75 -0.19 3.56
C HIS A 262 -7.49 0.01 4.39
N THR A 263 -6.40 0.42 3.74
CA THR A 263 -5.11 0.54 4.38
C THR A 263 -4.61 1.98 4.29
N LEU A 264 -4.16 2.50 5.43
CA LEU A 264 -3.74 3.90 5.49
C LEU A 264 -2.30 4.05 5.84
N GLY A 265 -1.66 5.08 5.29
CA GLY A 265 -0.41 5.56 5.85
C GLY A 265 -0.73 6.49 7.01
N ASP A 266 -0.64 7.82 6.81
CA ASP A 266 -0.94 8.82 7.85
C ASP A 266 -2.48 8.89 8.03
N ALA A 267 -3.00 8.16 9.01
CA ALA A 267 -4.43 8.22 9.30
C ALA A 267 -4.65 9.34 10.33
N HIS A 268 -5.44 10.34 9.98
CA HIS A 268 -5.49 11.52 10.82
C HIS A 268 -6.87 12.10 11.02
N ILE A 269 -7.01 12.82 12.13
CA ILE A 269 -8.20 13.59 12.43
C ILE A 269 -7.80 15.07 12.60
N TYR A 270 -8.42 15.95 11.81
CA TYR A 270 -8.24 17.38 11.98
C TYR A 270 -8.79 17.79 13.32
N LEU A 271 -8.11 18.73 13.97
CA LEU A 271 -8.46 19.11 15.34
C LEU A 271 -9.92 19.52 15.50
N ASN A 272 -10.48 20.18 14.49
CA ASN A 272 -11.84 20.69 14.58
C ASN A 272 -12.91 19.62 14.29
N HIS A 273 -12.48 18.41 13.95
CA HIS A 273 -13.41 17.29 13.84
C HIS A 273 -13.51 16.49 15.12
N ILE A 274 -12.70 16.82 16.11
CA ILE A 274 -12.61 15.98 17.30
C ILE A 274 -13.95 15.89 18.05
N GLU A 275 -14.56 17.04 18.28
CA GLU A 275 -15.81 17.07 19.02
C GLU A 275 -16.95 16.37 18.26
N PRO A 276 -17.11 16.66 16.95
CA PRO A 276 -18.11 15.90 16.20
C PRO A 276 -17.87 14.38 16.21
N LEU A 277 -16.62 13.95 16.01
CA LEU A 277 -16.31 12.52 15.94
C LEU A 277 -16.55 11.82 17.28
N LYS A 278 -16.24 12.52 18.38
CA LYS A 278 -16.52 12.04 19.75
C LYS A 278 -18.01 11.76 20.00
N ILE A 279 -18.88 12.57 19.39
CA ILE A 279 -20.32 12.33 19.43
C ILE A 279 -20.70 11.14 18.52
N GLN A 280 -20.20 11.13 17.28
CA GLN A 280 -20.42 10.01 16.38
C GLN A 280 -20.03 8.63 17.01
N LEU A 281 -18.93 8.62 17.79
CA LEU A 281 -18.42 7.40 18.46
C LEU A 281 -19.43 6.81 19.42
N GLN A 282 -20.39 7.62 19.88
CA GLN A 282 -21.36 7.09 20.83
C GLN A 282 -22.63 6.57 20.16
N ARG A 283 -22.67 6.64 18.84
CA ARG A 283 -23.81 6.14 18.08
C ARG A 283 -23.61 4.68 17.72
N GLU A 284 -24.68 3.89 17.83
CA GLU A 284 -24.63 2.48 17.47
C GLU A 284 -24.90 2.28 15.99
N PRO A 285 -23.99 1.60 15.27
CA PRO A 285 -24.26 1.25 13.85
C PRO A 285 -25.56 0.46 13.67
N ARG A 286 -26.21 0.69 12.55
CA ARG A 286 -27.40 -0.05 12.11
C ARG A 286 -26.89 -0.99 11.01
N PRO A 287 -27.58 -2.13 10.77
CA PRO A 287 -27.12 -3.04 9.74
C PRO A 287 -26.81 -2.31 8.43
N PHE A 288 -25.67 -2.60 7.80
CA PHE A 288 -25.32 -1.96 6.55
C PHE A 288 -26.47 -2.13 5.52
N PRO A 289 -26.61 -1.21 4.57
CA PRO A 289 -27.59 -1.44 3.52
C PRO A 289 -27.10 -2.49 2.52
N LYS A 290 -27.92 -2.76 1.50
CA LYS A 290 -27.50 -3.57 0.35
C LYS A 290 -27.41 -2.65 -0.87
N LEU A 291 -26.62 -3.03 -1.86
CA LEU A 291 -26.55 -2.31 -3.14
C LEU A 291 -27.04 -3.23 -4.26
N ARG A 292 -28.02 -2.74 -5.02
CA ARG A 292 -28.59 -3.47 -6.14
C ARG A 292 -28.19 -2.78 -7.42
N ILE A 293 -27.80 -3.57 -8.40
CA ILE A 293 -27.55 -3.09 -9.75
C ILE A 293 -28.76 -3.58 -10.52
N LEU A 294 -29.48 -2.65 -11.15
CA LEU A 294 -30.85 -2.93 -11.66
C LEU A 294 -30.92 -3.48 -13.07
N ARG A 295 -29.76 -3.61 -13.71
CA ARG A 295 -29.67 -3.85 -15.15
C ARG A 295 -28.43 -4.72 -15.41
N LYS A 296 -28.49 -5.60 -16.40
CA LYS A 296 -27.31 -6.34 -16.81
C LYS A 296 -26.46 -5.37 -17.59
N VAL A 297 -25.27 -5.07 -17.09
CA VAL A 297 -24.41 -4.10 -17.75
C VAL A 297 -23.16 -4.80 -18.25
N GLU A 298 -22.72 -4.40 -19.44
CA GLU A 298 -21.71 -5.17 -20.14
C GLU A 298 -20.31 -4.58 -20.10
N LYS A 299 -20.18 -3.25 -20.24
CA LYS A 299 -18.88 -2.58 -20.15
C LYS A 299 -18.87 -1.45 -19.10
N ILE A 300 -17.70 -1.20 -18.49
CA ILE A 300 -17.62 -0.25 -17.37
C ILE A 300 -18.15 1.16 -17.72
N ASP A 301 -18.02 1.56 -18.99
CA ASP A 301 -18.44 2.86 -19.47
C ASP A 301 -19.96 3.00 -19.63
N ASP A 302 -20.67 1.88 -19.63
CA ASP A 302 -22.13 1.84 -19.83
C ASP A 302 -22.95 2.16 -18.58
N PHE A 303 -22.35 2.07 -17.39
CA PHE A 303 -23.12 2.30 -16.15
C PHE A 303 -23.63 3.73 -16.11
N LYS A 304 -24.86 3.90 -15.64
CA LYS A 304 -25.44 5.22 -15.41
C LYS A 304 -25.93 5.24 -13.98
N ALA A 305 -26.04 6.43 -13.41
CA ALA A 305 -26.45 6.56 -12.00
C ALA A 305 -27.71 5.73 -11.69
N GLU A 306 -28.65 5.70 -12.65
CA GLU A 306 -29.96 5.06 -12.46
C GLU A 306 -29.92 3.54 -12.40
N ASP A 307 -28.77 2.96 -12.69
CA ASP A 307 -28.62 1.50 -12.64
C ASP A 307 -28.43 0.99 -11.21
N PHE A 308 -28.34 1.93 -10.26
CA PHE A 308 -28.00 1.60 -8.88
C PHE A 308 -29.05 1.98 -7.87
N GLN A 309 -29.35 1.08 -6.95
CA GLN A 309 -30.28 1.42 -5.89
C GLN A 309 -29.72 0.98 -4.54
N ILE A 310 -29.57 1.91 -3.61
CA ILE A 310 -29.21 1.56 -2.22
C ILE A 310 -30.51 1.21 -1.49
N GLU A 311 -30.50 0.10 -0.77
CA GLU A 311 -31.73 -0.46 -0.18
C GLU A 311 -31.54 -0.65 1.31
N GLY A 312 -32.47 -0.18 2.11
CA GLY A 312 -32.40 -0.37 3.55
C GLY A 312 -31.32 0.45 4.24
N TYR A 313 -31.02 1.62 3.65
CA TYR A 313 -30.11 2.57 4.28
C TYR A 313 -30.83 3.37 5.36
N ASN A 314 -30.42 3.21 6.61
CA ASN A 314 -31.15 3.70 7.76
C ASN A 314 -30.16 4.36 8.78
N PRO A 315 -29.51 5.49 8.38
CA PRO A 315 -28.39 6.03 9.14
C PRO A 315 -28.78 6.97 10.27
N HIS A 316 -27.81 7.28 11.14
CA HIS A 316 -27.97 8.32 12.15
C HIS A 316 -27.89 9.69 11.44
N PRO A 317 -28.23 10.78 12.16
CA PRO A 317 -28.28 12.05 11.43
C PRO A 317 -26.92 12.49 10.84
N THR A 318 -27.01 13.28 9.77
CA THR A 318 -25.89 14.02 9.22
C THR A 318 -25.08 14.72 10.32
N ILE A 319 -23.76 14.58 10.20
CA ILE A 319 -22.78 15.36 10.95
C ILE A 319 -22.00 16.22 9.97
N LYS A 320 -22.02 17.53 10.16
CA LYS A 320 -21.16 18.41 9.37
C LYS A 320 -19.78 18.51 10.02
N MET A 321 -18.73 18.07 9.33
CA MET A 321 -17.36 18.29 9.83
C MET A 321 -16.87 19.60 9.24
N GLU A 322 -16.42 20.49 10.13
CA GLU A 322 -16.10 21.89 9.81
C GLU A 322 -17.37 22.72 9.88
N PRO B 38 3.94 -6.62 27.74
CA PRO B 38 3.65 -6.32 26.33
C PRO B 38 4.05 -7.47 25.39
N PRO B 39 3.14 -7.85 24.46
CA PRO B 39 3.36 -9.06 23.66
C PRO B 39 4.50 -8.92 22.64
N HIS B 40 5.26 -10.00 22.47
CA HIS B 40 6.37 -10.07 21.51
C HIS B 40 5.86 -9.86 20.07
N GLY B 41 6.48 -8.95 19.32
CA GLY B 41 6.05 -8.66 17.95
C GLY B 41 6.07 -9.82 16.94
N GLU B 42 6.90 -10.85 17.16
CA GLU B 42 6.88 -12.02 16.28
C GLU B 42 5.53 -12.75 16.37
N LEU B 43 4.82 -12.63 17.49
CA LEU B 43 3.46 -13.17 17.55
C LEU B 43 2.55 -12.72 16.38
N GLN B 44 2.71 -11.51 15.89
CA GLN B 44 1.92 -11.11 14.72
C GLN B 44 2.19 -12.01 13.52
N TYR B 45 3.46 -12.18 13.22
CA TYR B 45 3.88 -13.05 12.13
C TYR B 45 3.34 -14.48 12.33
N LEU B 46 3.50 -15.03 13.53
CA LEU B 46 2.98 -16.38 13.77
C LEU B 46 1.43 -16.47 13.62
N GLY B 47 0.71 -15.46 14.11
CA GLY B 47 -0.76 -15.42 13.98
C GLY B 47 -1.19 -15.34 12.51
N GLN B 48 -0.41 -14.64 11.70
CA GLN B 48 -0.66 -14.56 10.27
C GLN B 48 -0.47 -15.91 9.56
N ILE B 49 0.61 -16.63 9.87
CA ILE B 49 0.81 -17.99 9.37
C ILE B 49 -0.39 -18.86 9.76
N GLN B 50 -0.71 -18.80 11.05
CA GLN B 50 -1.79 -19.61 11.60
C GLN B 50 -3.13 -19.28 10.89
N HIS B 51 -3.43 -18.00 10.67
CA HIS B 51 -4.67 -17.59 9.97
C HIS B 51 -4.73 -18.07 8.51
N ILE B 52 -3.61 -17.99 7.78
CA ILE B 52 -3.55 -18.54 6.42
C ILE B 52 -3.74 -20.08 6.40
N LEU B 53 -3.05 -20.79 7.28
CA LEU B 53 -3.27 -22.26 7.36
C LEU B 53 -4.75 -22.64 7.54
N ARG B 54 -5.46 -21.87 8.38
CA ARG B 54 -6.87 -22.15 8.74
C ARG B 54 -7.88 -21.61 7.75
N GLY B 56 -7.00 -19.75 4.77
CA GLY B 56 -6.48 -19.47 3.44
C GLY B 56 -7.13 -20.34 2.39
N VAL B 57 -7.29 -19.80 1.20
CA VAL B 57 -7.88 -20.55 0.11
C VAL B 57 -6.77 -20.94 -0.89
N ARG B 58 -6.98 -22.04 -1.61
CA ARG B 58 -6.08 -22.54 -2.65
C ARG B 58 -6.04 -21.57 -3.83
N LYS B 59 -4.84 -21.16 -4.24
CA LYS B 59 -4.65 -20.24 -5.37
C LYS B 59 -3.28 -20.55 -5.96
N ASP B 60 -3.21 -20.68 -7.28
CA ASP B 60 -1.93 -20.91 -7.96
C ASP B 60 -1.16 -19.63 -8.18
N ASP B 61 0.15 -19.75 -8.23
CA ASP B 61 0.96 -18.59 -8.59
C ASP B 61 1.17 -18.63 -10.09
N ARG B 62 2.01 -17.75 -10.59
CA ARG B 62 2.36 -17.61 -11.99
C ARG B 62 2.73 -18.92 -12.71
N THR B 63 3.38 -19.83 -11.99
CA THR B 63 3.90 -21.08 -12.59
C THR B 63 2.94 -22.25 -12.40
N GLY B 64 1.78 -21.98 -11.81
CA GLY B 64 0.81 -23.03 -11.51
C GLY B 64 1.17 -23.79 -10.24
N THR B 65 2.03 -23.20 -9.41
CA THR B 65 2.38 -23.82 -8.12
C THR B 65 1.37 -23.33 -7.06
N GLY B 66 0.89 -24.27 -6.25
CA GLY B 66 -0.19 -24.03 -5.32
C GLY B 66 0.19 -23.29 -4.06
N THR B 67 -0.70 -22.44 -3.57
CA THR B 67 -0.50 -21.76 -2.31
C THR B 67 -1.79 -21.80 -1.53
N LEU B 68 -1.67 -21.50 -0.24
CA LEU B 68 -2.82 -21.13 0.55
C LEU B 68 -2.73 -19.60 0.67
N SER B 69 -3.83 -18.91 0.40
CA SER B 69 -3.81 -17.46 0.17
C SER B 69 -4.88 -16.71 0.96
N VAL B 70 -4.50 -15.56 1.51
CA VAL B 70 -5.43 -14.62 2.15
C VAL B 70 -5.08 -13.25 1.58
N PHE B 71 -6.08 -12.45 1.21
CA PHE B 71 -5.83 -11.13 0.64
C PHE B 71 -6.02 -10.03 1.69
N GLY B 72 -4.95 -9.25 1.95
CA GLY B 72 -5.07 -8.10 2.84
C GLY B 72 -4.63 -8.42 4.26
N MET B 73 -3.39 -8.05 4.62
CA MET B 73 -2.88 -8.33 5.98
C MET B 73 -2.01 -7.16 6.44
N GLN B 74 -1.79 -7.03 7.74
CA GLN B 74 -0.92 -6.00 8.27
C GLN B 74 -0.38 -6.41 9.63
N ALA B 75 0.90 -6.11 9.86
CA ALA B 75 1.55 -6.33 11.15
C ALA B 75 2.39 -5.09 11.49
N ARG B 76 2.51 -4.77 12.77
CA ARG B 76 3.36 -3.66 13.21
C ARG B 76 4.49 -4.16 14.11
N TYR B 77 5.73 -3.80 13.77
CA TYR B 77 6.91 -4.22 14.53
C TYR B 77 7.59 -2.98 15.10
N SER B 78 7.68 -2.87 16.42
CA SER B 78 8.43 -1.78 17.03
C SER B 78 9.91 -1.85 16.66
N LEU B 79 10.48 -0.71 16.35
CA LEU B 79 11.94 -0.63 16.11
C LEU B 79 12.63 0.05 17.28
N ARG B 80 11.89 0.33 18.36
CA ARG B 80 12.42 1.10 19.48
C ARG B 80 13.22 0.23 20.45
N ASP B 81 14.55 0.38 20.42
CA ASP B 81 15.42 -0.38 21.34
C ASP B 81 15.38 -1.92 21.14
N GLU B 82 14.83 -2.39 20.00
CA GLU B 82 14.85 -3.80 19.57
C GLU B 82 14.85 -3.81 18.02
N PHE B 83 15.17 -4.96 17.44
CA PHE B 83 15.22 -5.13 15.99
C PHE B 83 14.52 -6.43 15.56
N PRO B 84 13.52 -6.32 14.67
CA PRO B 84 12.66 -7.50 14.41
C PRO B 84 13.29 -8.53 13.47
N LEU B 85 14.42 -9.10 13.87
CA LEU B 85 14.96 -10.28 13.18
C LEU B 85 14.34 -11.51 13.83
N LEU B 86 13.53 -12.26 13.08
CA LEU B 86 12.74 -13.33 13.67
C LEU B 86 13.55 -14.37 14.41
N THR B 87 12.97 -14.87 15.50
CA THR B 87 13.64 -15.85 16.35
C THR B 87 13.07 -17.27 16.29
N THR B 88 11.89 -17.47 15.69
CA THR B 88 11.36 -18.83 15.60
C THR B 88 12.08 -19.71 14.57
N LYS B 89 12.94 -19.06 13.79
CA LYS B 89 13.92 -19.75 12.95
C LYS B 89 15.09 -18.78 12.80
N ARG B 90 16.28 -19.32 12.52
CA ARG B 90 17.41 -18.45 12.27
C ARG B 90 17.29 -17.81 10.90
N VAL B 91 17.32 -16.48 10.88
CA VAL B 91 17.29 -15.71 9.65
C VAL B 91 18.74 -15.35 9.26
N PHE B 92 19.09 -15.51 8.00
CA PHE B 92 20.45 -15.22 7.51
C PHE B 92 20.67 -13.69 7.43
N TRP B 93 20.94 -13.09 8.59
CA TRP B 93 21.18 -11.68 8.76
C TRP B 93 22.26 -11.13 7.81
N LYS B 94 23.38 -11.84 7.69
CA LYS B 94 24.49 -11.41 6.81
C LYS B 94 24.05 -11.15 5.37
N GLY B 95 23.15 -12.00 4.86
CA GLY B 95 22.60 -11.84 3.51
C GLY B 95 21.59 -10.70 3.42
N VAL B 96 20.86 -10.45 4.51
CA VAL B 96 19.96 -9.29 4.56
C VAL B 96 20.80 -8.02 4.32
N LEU B 97 21.81 -7.84 5.17
CA LEU B 97 22.66 -6.67 5.17
C LEU B 97 23.38 -6.50 3.84
N GLU B 98 24.07 -7.55 3.44
CA GLU B 98 24.79 -7.57 2.19
C GLU B 98 23.92 -7.23 0.97
N GLU B 99 22.74 -7.82 0.87
CA GLU B 99 21.86 -7.57 -0.28
C GLU B 99 21.32 -6.13 -0.24
N LEU B 100 21.02 -5.62 0.95
CA LEU B 100 20.52 -4.27 1.07
C LEU B 100 21.60 -3.23 0.59
N LEU B 101 22.84 -3.42 1.04
CA LEU B 101 23.94 -2.53 0.70
C LEU B 101 24.17 -2.54 -0.80
N TRP B 102 24.03 -3.73 -1.39
CA TRP B 102 24.07 -3.91 -2.82
C TRP B 102 22.99 -3.08 -3.51
N PHE B 103 21.75 -3.13 -3.01
CA PHE B 103 20.69 -2.29 -3.55
C PHE B 103 20.98 -0.81 -3.42
N ILE B 104 21.50 -0.40 -2.26
CA ILE B 104 21.79 1.01 -2.01
C ILE B 104 22.84 1.59 -2.99
N LYS B 105 23.76 0.78 -3.50
CA LYS B 105 24.67 1.29 -4.52
C LYS B 105 24.16 1.18 -5.98
N GLY B 106 22.99 0.60 -6.15
CA GLY B 106 22.34 0.58 -7.46
C GLY B 106 22.92 -0.42 -8.44
N SER B 107 23.50 -1.50 -7.93
CA SER B 107 24.22 -2.46 -8.76
C SER B 107 23.33 -3.35 -9.61
N THR B 108 23.73 -3.53 -10.87
CA THR B 108 23.12 -4.48 -11.78
C THR B 108 24.14 -5.58 -12.14
N ASN B 109 24.97 -5.94 -11.16
CA ASN B 109 26.02 -6.95 -11.33
C ASN B 109 25.88 -8.09 -10.32
N ALA B 110 25.53 -9.27 -10.83
CA ALA B 110 25.28 -10.46 -9.99
C ALA B 110 26.46 -10.93 -9.12
N LYS B 111 27.69 -10.80 -9.63
CA LYS B 111 28.88 -11.31 -8.91
C LYS B 111 29.43 -10.43 -7.78
N GLU B 112 28.94 -9.20 -7.69
CA GLU B 112 29.12 -8.37 -6.48
C GLU B 112 28.23 -8.91 -5.36
N LEU B 113 27.43 -9.92 -5.69
CA LEU B 113 26.54 -10.60 -4.75
C LEU B 113 26.76 -12.12 -4.80
N SER B 114 27.93 -12.53 -5.27
CA SER B 114 28.31 -13.94 -5.30
C SER B 114 29.75 -14.13 -4.79
N SER B 115 30.50 -13.02 -4.76
CA SER B 115 31.82 -12.97 -4.11
C SER B 115 31.67 -12.67 -2.62
N LYS B 116 30.45 -12.37 -2.22
CA LYS B 116 30.12 -12.14 -0.81
C LYS B 116 29.54 -13.39 -0.15
N GLY B 117 29.33 -14.44 -0.95
CA GLY B 117 28.87 -15.74 -0.46
C GLY B 117 27.40 -15.79 -0.07
N VAL B 118 26.63 -14.83 -0.58
CA VAL B 118 25.20 -14.71 -0.27
C VAL B 118 24.29 -15.32 -1.34
N LYS B 119 24.85 -15.53 -2.54
CA LYS B 119 24.17 -16.18 -3.68
C LYS B 119 22.80 -15.58 -4.00
N ASP B 142 25.00 -6.98 -16.79
CA ASP B 142 24.40 -8.24 -17.20
C ASP B 142 22.95 -8.39 -16.71
N LEU B 143 22.57 -7.62 -15.69
CA LEU B 143 21.18 -7.63 -15.21
C LEU B 143 20.32 -6.56 -15.90
N GLY B 144 20.49 -5.30 -15.52
CA GLY B 144 19.72 -4.21 -16.12
C GLY B 144 18.66 -3.51 -15.27
N PRO B 145 18.02 -4.25 -14.31
CA PRO B 145 16.94 -3.66 -13.54
C PRO B 145 17.04 -3.78 -11.99
N VAL B 146 16.98 -5.00 -11.46
CA VAL B 146 16.73 -5.30 -10.01
C VAL B 146 16.76 -4.13 -9.02
N TYR B 147 15.95 -4.23 -7.99
CA TYR B 147 15.61 -3.12 -7.06
C TYR B 147 16.59 -1.94 -6.92
N GLY B 148 17.86 -2.16 -7.20
CA GLY B 148 18.88 -1.13 -6.97
C GLY B 148 18.86 -0.03 -8.03
N PHE B 149 18.77 -0.44 -9.30
CA PHE B 149 18.78 0.50 -10.42
C PHE B 149 17.52 1.36 -10.41
N GLN B 150 16.43 0.80 -9.87
CA GLN B 150 15.18 1.55 -9.74
C GLN B 150 15.22 2.47 -8.51
N TRP B 151 15.85 2.03 -7.43
CA TRP B 151 16.01 2.85 -6.20
C TRP B 151 16.90 4.10 -6.41
N ARG B 152 17.93 3.96 -7.25
CA ARG B 152 18.94 5.01 -7.44
C ARG B 152 18.84 5.71 -8.79
N HIS B 153 18.41 5.00 -9.83
CA HIS B 153 18.42 5.55 -11.19
C HIS B 153 17.12 5.31 -11.97
N PHE B 154 15.97 5.59 -11.35
CA PHE B 154 14.71 5.27 -12.00
C PHE B 154 14.46 5.89 -13.39
N GLY B 155 14.18 5.03 -14.36
CA GLY B 155 13.67 5.45 -15.68
C GLY B 155 14.72 5.92 -16.66
N ALA B 156 15.97 5.92 -16.21
CA ALA B 156 17.11 6.34 -17.02
C ALA B 156 17.41 5.32 -18.12
N GLU B 157 18.00 5.80 -19.20
CA GLU B 157 18.40 4.95 -20.32
C GLU B 157 19.47 3.97 -19.84
N TYR B 158 19.18 2.67 -19.96
CA TYR B 158 20.18 1.65 -19.66
C TYR B 158 21.08 1.42 -20.88
N ARG B 159 22.36 1.19 -20.62
CA ARG B 159 23.32 0.82 -21.67
C ARG B 159 24.12 -0.43 -21.27
N ASP B 160 25.07 -0.23 -20.35
CA ASP B 160 25.97 -1.28 -19.86
C ASP B 160 25.77 -1.43 -18.35
N MET B 161 26.53 -2.33 -17.72
CA MET B 161 26.54 -2.44 -16.25
C MET B 161 27.77 -1.75 -15.61
N GLU B 162 28.79 -1.49 -16.42
CA GLU B 162 30.01 -0.80 -15.97
C GLU B 162 29.98 0.67 -16.36
N SER B 163 28.77 1.20 -16.54
CA SER B 163 28.55 2.57 -17.03
C SER B 163 28.36 3.58 -15.91
N ASP B 164 28.63 4.85 -16.22
CA ASP B 164 28.42 5.95 -15.27
C ASP B 164 26.99 6.53 -15.37
N TYR B 165 26.19 6.30 -14.33
CA TYR B 165 24.79 6.75 -14.27
C TYR B 165 24.58 7.94 -13.31
N SER B 166 25.66 8.66 -12.99
CA SER B 166 25.63 9.78 -12.04
C SER B 166 24.70 10.92 -12.46
N GLY B 167 23.61 11.12 -11.70
CA GLY B 167 22.62 12.16 -12.01
C GLY B 167 21.67 11.82 -13.17
N GLN B 168 21.56 10.52 -13.46
CA GLN B 168 20.68 10.02 -14.50
C GLN B 168 19.46 9.35 -13.88
N GLY B 169 18.29 9.77 -14.32
CA GLY B 169 17.02 9.29 -13.76
C GLY B 169 16.71 9.94 -12.42
N VAL B 170 15.67 9.43 -11.77
CA VAL B 170 15.30 9.90 -10.43
C VAL B 170 15.98 9.03 -9.37
N ASP B 171 16.66 9.68 -8.42
CA ASP B 171 17.17 8.98 -7.24
C ASP B 171 16.12 8.91 -6.10
N GLN B 172 15.29 7.86 -6.13
CA GLN B 172 14.22 7.68 -5.14
C GLN B 172 14.72 7.66 -3.70
N LEU B 173 15.85 7.04 -3.47
CA LEU B 173 16.36 6.93 -2.11
C LEU B 173 16.92 8.27 -1.58
N GLN B 174 17.73 8.95 -2.38
CA GLN B 174 18.24 10.27 -1.97
C GLN B 174 17.07 11.23 -1.77
N ARG B 175 16.05 11.09 -2.62
CA ARG B 175 14.89 11.98 -2.51
C ARG B 175 14.09 11.77 -1.20
N VAL B 176 13.96 10.52 -0.75
CA VAL B 176 13.36 10.20 0.55
C VAL B 176 14.13 10.89 1.70
N ILE B 177 15.45 10.72 1.68
CA ILE B 177 16.36 11.32 2.66
C ILE B 177 16.26 12.88 2.69
N ASP B 178 16.40 13.51 1.53
CA ASP B 178 16.25 14.96 1.44
C ASP B 178 14.89 15.45 1.94
N THR B 179 13.82 14.72 1.62
CA THR B 179 12.48 15.18 2.02
C THR B 179 12.31 15.10 3.52
N ILE B 180 12.88 14.07 4.13
CA ILE B 180 12.85 13.91 5.57
C ILE B 180 13.54 15.07 6.26
N LYS B 181 14.57 15.60 5.61
CA LYS B 181 15.31 16.73 6.12
C LYS B 181 14.62 18.07 5.83
N THR B 182 14.07 18.24 4.64
CA THR B 182 13.51 19.52 4.29
C THR B 182 12.07 19.66 4.74
N ASN B 183 11.32 18.54 4.81
CA ASN B 183 9.92 18.58 5.21
C ASN B 183 9.43 17.31 5.88
N PRO B 184 9.72 17.11 7.18
CA PRO B 184 9.40 15.83 7.84
C PRO B 184 7.90 15.49 7.95
N ASP B 185 7.03 16.48 7.82
CA ASP B 185 5.57 16.27 7.83
C ASP B 185 5.06 15.68 6.52
N ASP B 186 5.86 15.77 5.45
CA ASP B 186 5.44 15.33 4.14
C ASP B 186 4.75 13.94 4.12
N ARG B 187 3.59 13.87 3.47
CA ARG B 187 2.85 12.61 3.33
C ARG B 187 3.25 11.85 2.06
N ARG B 188 4.26 12.35 1.35
CA ARG B 188 4.65 11.76 0.07
C ARG B 188 6.01 11.11 0.06
N ILE B 189 6.49 10.66 1.22
CA ILE B 189 7.86 10.19 1.32
C ILE B 189 7.89 8.71 0.96
N ILE B 190 7.88 8.45 -0.35
CA ILE B 190 7.54 7.14 -0.91
C ILE B 190 8.60 6.67 -1.91
N MET B 191 8.91 5.38 -1.87
CA MET B 191 9.91 4.81 -2.78
C MET B 191 9.37 3.47 -3.25
N CYS B 192 9.43 3.18 -4.55
CA CYS B 192 8.90 1.90 -5.08
C CYS B 192 9.98 0.97 -5.63
N ALA B 193 9.74 -0.33 -5.55
CA ALA B 193 10.58 -1.33 -6.21
C ALA B 193 9.75 -2.23 -7.15
N TRP B 194 10.37 -2.64 -8.25
CA TRP B 194 9.72 -3.45 -9.27
C TRP B 194 10.40 -4.82 -9.36
N ASN B 195 9.58 -5.85 -9.57
CA ASN B 195 10.05 -7.13 -10.06
C ASN B 195 10.62 -6.88 -11.45
N PRO B 196 11.91 -7.20 -11.66
CA PRO B 196 12.50 -6.92 -12.98
C PRO B 196 11.82 -7.65 -14.16
N ARG B 197 11.14 -8.77 -13.92
CA ARG B 197 10.42 -9.44 -15.04
C ARG B 197 9.34 -8.54 -15.62
N ASP B 198 8.76 -7.66 -14.80
CA ASP B 198 7.63 -6.86 -15.25
C ASP B 198 8.00 -5.73 -16.20
N LEU B 199 9.26 -5.29 -16.18
CA LEU B 199 9.65 -4.06 -16.88
C LEU B 199 9.51 -4.15 -18.40
N PRO B 200 10.00 -5.23 -19.01
CA PRO B 200 9.77 -5.26 -20.46
C PRO B 200 8.35 -5.72 -20.85
N LEU B 201 7.52 -6.08 -19.86
CA LEU B 201 6.21 -6.71 -20.13
C LEU B 201 5.04 -5.81 -20.51
N MET B 202 5.00 -4.59 -19.95
CA MET B 202 3.96 -3.62 -20.29
C MET B 202 4.47 -2.17 -20.10
N ALA B 203 3.75 -1.19 -20.66
CA ALA B 203 3.98 0.20 -20.27
C ALA B 203 3.42 0.41 -18.86
N LEU B 204 3.94 1.26 -18.18
CA LEU B 204 3.52 1.55 -16.81
C LEU B 204 3.42 0.28 -15.97
N PRO B 205 4.39 -0.49 -15.81
CA PRO B 205 4.22 -1.69 -15.01
C PRO B 205 3.99 -1.33 -13.54
N PRO B 206 3.11 -2.09 -12.86
CA PRO B 206 2.95 -1.80 -11.45
C PRO B 206 4.14 -2.29 -10.65
N HIS B 208 6.19 -3.86 -7.42
CA HIS B 208 5.99 -5.02 -6.55
C HIS B 208 5.77 -4.54 -5.10
N ALA B 209 6.46 -3.46 -4.74
CA ALA B 209 6.49 -2.99 -3.36
C ALA B 209 6.52 -1.47 -3.32
N LEU B 210 5.70 -0.90 -2.45
CA LEU B 210 5.85 0.53 -2.14
C LEU B 210 6.15 0.70 -0.65
N CYS B 211 7.07 1.63 -0.38
CA CYS B 211 7.54 1.92 0.96
C CYS B 211 7.34 3.38 1.26
N GLN B 212 6.62 3.66 2.35
CA GLN B 212 6.27 5.04 2.74
C GLN B 212 6.91 5.31 4.10
N PHE B 213 7.62 6.43 4.22
CA PHE B 213 8.25 6.79 5.48
C PHE B 213 7.41 7.87 6.13
N TYR B 214 7.60 8.06 7.43
CA TYR B 214 6.75 8.98 8.19
C TYR B 214 7.53 9.41 9.41
N VAL B 215 7.42 10.70 9.75
CA VAL B 215 8.18 11.30 10.83
C VAL B 215 7.23 12.06 11.76
N VAL B 216 7.28 11.73 13.05
CA VAL B 216 6.69 12.59 14.08
C VAL B 216 7.57 12.46 15.33
N ASN B 217 7.70 13.53 16.11
CA ASN B 217 8.51 13.53 17.36
C ASN B 217 9.89 12.92 17.21
N SER B 218 10.64 13.35 16.19
CA SER B 218 11.99 12.86 15.98
C SER B 218 12.11 11.30 15.83
N GLU B 219 10.98 10.63 15.49
CA GLU B 219 10.96 9.18 15.13
C GLU B 219 10.63 8.91 13.68
N LEU B 220 11.37 8.01 13.05
CA LEU B 220 11.11 7.62 11.65
C LEU B 220 10.43 6.27 11.60
N SER B 221 9.24 6.23 11.01
CA SER B 221 8.55 4.98 10.77
C SER B 221 8.52 4.63 9.29
N CYS B 222 8.27 3.35 8.99
CA CYS B 222 8.25 2.86 7.63
C CYS B 222 7.07 1.88 7.44
N GLN B 223 6.35 2.06 6.35
CA GLN B 223 5.35 1.11 5.97
C GLN B 223 5.73 0.53 4.60
N LEU B 224 5.80 -0.80 4.56
CA LEU B 224 6.03 -1.53 3.33
C LEU B 224 4.74 -2.17 2.90
N TYR B 225 4.28 -1.82 1.69
CA TYR B 225 3.16 -2.50 1.05
C TYR B 225 3.72 -3.40 -0.02
N GLN B 226 3.50 -4.71 0.11
CA GLN B 226 3.88 -5.65 -0.93
C GLN B 226 2.62 -6.26 -1.57
N ARG B 227 2.56 -6.22 -2.91
CA ARG B 227 1.42 -6.74 -3.62
C ARG B 227 1.19 -8.25 -3.42
N SER B 228 2.26 -8.93 -3.03
CA SER B 228 2.20 -10.33 -2.66
C SER B 228 3.31 -10.65 -1.69
N GLY B 229 3.07 -11.59 -0.79
CA GLY B 229 4.10 -11.95 0.17
C GLY B 229 4.18 -13.44 0.42
N ASP B 230 5.34 -13.99 0.15
CA ASP B 230 5.68 -15.38 0.45
C ASP B 230 5.98 -15.47 1.96
N MET B 231 5.02 -15.96 2.75
CA MET B 231 5.13 -15.96 4.20
C MET B 231 6.29 -16.80 4.74
N GLY B 232 6.56 -17.95 4.10
CA GLY B 232 7.61 -18.83 4.58
C GLY B 232 9.02 -18.35 4.38
N LEU B 233 9.31 -17.88 3.17
CA LEU B 233 10.65 -17.50 2.76
C LEU B 233 10.87 -16.00 2.70
N GLY B 234 10.00 -15.30 1.99
CA GLY B 234 10.25 -13.90 1.59
C GLY B 234 9.96 -12.93 2.70
N VAL B 235 8.86 -13.15 3.43
CA VAL B 235 8.43 -12.23 4.47
C VAL B 235 9.42 -11.99 5.64
N PRO B 236 9.95 -13.06 6.27
CA PRO B 236 10.92 -12.80 7.36
C PRO B 236 12.13 -11.98 6.91
N PHE B 237 12.57 -12.26 5.70
CA PHE B 237 13.68 -11.56 5.05
C PHE B 237 13.38 -10.08 4.78
N ASN B 238 12.21 -9.77 4.25
CA ASN B 238 11.80 -8.38 4.00
C ASN B 238 11.58 -7.54 5.27
N ILE B 239 11.02 -8.15 6.31
CA ILE B 239 10.90 -7.49 7.60
C ILE B 239 12.27 -7.00 8.07
N ALA B 240 13.27 -7.89 8.04
CA ALA B 240 14.60 -7.53 8.49
C ALA B 240 15.22 -6.44 7.60
N SER B 241 14.97 -6.58 6.31
CA SER B 241 15.53 -5.76 5.28
C SER B 241 15.02 -4.29 5.36
N TYR B 242 13.72 -4.13 5.48
CA TYR B 242 13.15 -2.80 5.57
C TYR B 242 13.31 -2.21 6.95
N ALA B 243 13.37 -3.06 7.97
CA ALA B 243 13.73 -2.57 9.30
C ALA B 243 15.17 -2.03 9.31
N LEU B 244 16.10 -2.73 8.64
CA LEU B 244 17.50 -2.27 8.52
C LEU B 244 17.55 -0.94 7.75
N LEU B 245 16.88 -0.87 6.59
CA LEU B 245 16.82 0.38 5.83
C LEU B 245 16.32 1.54 6.70
N THR B 246 15.32 1.30 7.55
CA THR B 246 14.80 2.37 8.40
C THR B 246 15.83 2.81 9.42
N TYR B 247 16.55 1.84 10.00
CA TYR B 247 17.63 2.15 10.92
C TYR B 247 18.69 3.01 10.24
N MET B 248 19.02 2.70 8.99
CA MET B 248 20.05 3.46 8.25
C MET B 248 19.58 4.88 7.95
N ILE B 249 18.36 5.03 7.43
CA ILE B 249 17.83 6.35 7.09
C ILE B 249 17.64 7.18 8.37
N ALA B 250 17.18 6.54 9.46
CA ALA B 250 17.06 7.25 10.74
C ALA B 250 18.41 7.80 11.22
N HIS B 251 19.42 6.95 11.16
CA HIS B 251 20.76 7.30 11.67
C HIS B 251 21.30 8.53 10.96
N ILE B 252 21.07 8.56 9.67
CA ILE B 252 21.60 9.57 8.78
C ILE B 252 20.81 10.88 8.83
N THR B 253 19.57 10.84 9.33
CA THR B 253 18.72 12.04 9.39
C THR B 253 18.60 12.53 10.83
N GLY B 254 19.36 11.92 11.73
CA GLY B 254 19.35 12.28 13.16
C GLY B 254 18.00 12.02 13.84
N LEU B 255 17.30 10.97 13.40
CA LEU B 255 16.02 10.55 14.00
C LEU B 255 16.19 9.19 14.69
N LYS B 256 15.20 8.78 15.48
CA LYS B 256 15.21 7.43 16.07
C LYS B 256 14.27 6.52 15.29
N PRO B 257 14.63 5.24 15.10
CA PRO B 257 13.64 4.32 14.50
C PRO B 257 12.32 4.27 15.27
N GLY B 258 11.20 4.22 14.57
CA GLY B 258 9.89 4.19 15.23
C GLY B 258 9.22 2.81 15.08
N ASP B 259 8.30 2.69 14.12
CA ASP B 259 7.61 1.42 13.80
C ASP B 259 7.90 1.01 12.36
N PHE B 260 7.91 -0.30 12.13
CA PHE B 260 7.88 -0.84 10.79
C PHE B 260 6.54 -1.53 10.65
N ILE B 261 5.74 -1.09 9.67
CA ILE B 261 4.43 -1.65 9.44
C ILE B 261 4.51 -2.46 8.15
N HIS B 262 4.10 -3.73 8.22
CA HIS B 262 4.21 -4.59 7.02
C HIS B 262 2.82 -4.91 6.52
N THR B 263 2.51 -4.50 5.29
CA THR B 263 1.19 -4.70 4.74
C THR B 263 1.26 -5.52 3.46
N LEU B 264 0.36 -6.51 3.35
CA LEU B 264 0.41 -7.41 2.22
C LEU B 264 -0.86 -7.38 1.41
N GLY B 265 -0.74 -7.56 0.09
CA GLY B 265 -1.88 -7.95 -0.70
C GLY B 265 -2.11 -9.45 -0.57
N ASP B 266 -1.67 -10.23 -1.57
CA ASP B 266 -1.81 -11.70 -1.54
C ASP B 266 -0.76 -12.28 -0.58
N ALA B 267 -1.16 -12.53 0.66
CA ALA B 267 -0.29 -13.15 1.64
C ALA B 267 -0.46 -14.65 1.49
N HIS B 268 0.62 -15.38 1.21
CA HIS B 268 0.45 -16.77 0.84
C HIS B 268 1.52 -17.68 1.42
N ILE B 269 1.15 -18.96 1.53
CA ILE B 269 2.05 -20.03 1.91
C ILE B 269 2.07 -21.09 0.80
N TYR B 270 3.26 -21.37 0.27
CA TYR B 270 3.45 -22.46 -0.68
C TYR B 270 3.14 -23.77 0.02
N LEU B 271 2.45 -24.68 -0.67
CA LEU B 271 1.96 -25.94 -0.06
C LEU B 271 3.05 -26.75 0.64
N ASN B 272 4.25 -26.74 0.08
CA ASN B 272 5.37 -27.52 0.62
C ASN B 272 6.01 -26.86 1.84
N HIS B 273 5.59 -25.62 2.16
CA HIS B 273 6.06 -24.96 3.37
C HIS B 273 5.15 -25.23 4.56
N ILE B 274 4.04 -25.92 4.33
CA ILE B 274 2.99 -26.05 5.35
C ILE B 274 3.49 -26.85 6.57
N GLU B 275 4.13 -27.98 6.30
CA GLU B 275 4.61 -28.83 7.37
C GLU B 275 5.72 -28.14 8.16
N PRO B 276 6.72 -27.57 7.46
CA PRO B 276 7.74 -26.80 8.19
C PRO B 276 7.16 -25.66 9.03
N LEU B 277 6.24 -24.88 8.47
CA LEU B 277 5.66 -23.73 9.19
C LEU B 277 4.84 -24.14 10.41
N LYS B 278 4.10 -25.25 10.27
CA LYS B 278 3.36 -25.86 11.37
C LYS B 278 4.26 -26.21 12.56
N ILE B 279 5.47 -26.68 12.28
CA ILE B 279 6.46 -26.91 13.33
C ILE B 279 6.98 -25.57 13.88
N GLN B 280 7.36 -24.64 13.00
CA GLN B 280 7.76 -23.30 13.46
C GLN B 280 6.71 -22.66 14.39
N LEU B 281 5.43 -22.89 14.12
CA LEU B 281 4.34 -22.29 14.92
C LEU B 281 4.35 -22.71 16.40
N GLN B 282 5.00 -23.82 16.75
CA GLN B 282 5.03 -24.19 18.18
C GLN B 282 6.26 -23.71 18.92
N ARG B 283 7.14 -22.98 18.24
CA ARG B 283 8.31 -22.45 18.88
C ARG B 283 7.95 -21.12 19.52
N GLU B 284 8.41 -20.90 20.74
CA GLU B 284 8.19 -19.61 21.39
C GLU B 284 9.29 -18.62 21.06
N PRO B 285 8.90 -17.42 20.57
CA PRO B 285 9.88 -16.38 20.31
C PRO B 285 10.76 -16.08 21.52
N ARG B 286 12.01 -15.71 21.25
CA ARG B 286 12.94 -15.21 22.23
C ARG B 286 12.99 -13.69 22.03
N PRO B 287 13.31 -12.91 23.09
CA PRO B 287 13.36 -11.46 22.93
C PRO B 287 14.15 -11.08 21.68
N PHE B 288 13.59 -10.16 20.88
CA PHE B 288 14.28 -9.71 19.66
C PHE B 288 15.67 -9.18 20.01
N PRO B 289 16.63 -9.29 19.08
CA PRO B 289 17.94 -8.71 19.33
C PRO B 289 17.91 -7.18 19.22
N LYS B 290 19.08 -6.58 19.37
CA LYS B 290 19.28 -5.14 19.11
C LYS B 290 20.25 -4.98 17.95
N LEU B 291 20.13 -3.89 17.21
CA LEU B 291 21.06 -3.55 16.13
C LEU B 291 21.79 -2.27 16.51
N ARG B 292 23.12 -2.34 16.50
CA ARG B 292 24.00 -1.24 16.82
C ARG B 292 24.71 -0.83 15.55
N ILE B 293 24.80 0.47 15.35
CA ILE B 293 25.56 1.04 14.26
C ILE B 293 26.83 1.56 14.92
N LEU B 294 27.99 1.14 14.41
CA LEU B 294 29.27 1.24 15.16
C LEU B 294 30.13 2.49 14.92
N ARG B 295 29.71 3.37 14.02
CA ARG B 295 30.28 4.71 13.85
C ARG B 295 29.24 5.72 13.37
N LYS B 296 29.58 7.00 13.44
CA LYS B 296 28.74 8.06 12.88
C LYS B 296 28.91 8.01 11.37
N VAL B 297 27.80 7.81 10.65
CA VAL B 297 27.85 7.74 9.20
C VAL B 297 27.05 8.91 8.66
N GLU B 298 27.58 9.54 7.62
CA GLU B 298 27.02 10.79 7.15
C GLU B 298 26.11 10.68 5.91
N LYS B 299 26.46 9.82 4.95
CA LYS B 299 25.66 9.66 3.74
C LYS B 299 25.27 8.17 3.50
N ILE B 300 24.11 7.93 2.90
CA ILE B 300 23.58 6.57 2.77
C ILE B 300 24.57 5.64 2.05
N ASP B 301 25.31 6.20 1.10
CA ASP B 301 26.30 5.48 0.32
C ASP B 301 27.55 5.09 1.13
N ASP B 302 27.72 5.67 2.31
CA ASP B 302 28.93 5.46 3.15
C ASP B 302 28.89 4.21 4.04
N PHE B 303 27.71 3.64 4.25
CA PHE B 303 27.58 2.46 5.12
C PHE B 303 28.30 1.28 4.51
N LYS B 304 29.01 0.53 5.35
CA LYS B 304 29.67 -0.72 4.96
C LYS B 304 29.14 -1.79 5.90
N ALA B 305 29.27 -3.06 5.50
CA ALA B 305 28.74 -4.16 6.30
C ALA B 305 29.26 -4.12 7.75
N GLU B 306 30.52 -3.71 7.94
CA GLU B 306 31.20 -3.76 9.22
C GLU B 306 30.76 -2.69 10.20
N ASP B 307 29.96 -1.73 9.73
CA ASP B 307 29.35 -0.73 10.61
C ASP B 307 28.17 -1.24 11.42
N PHE B 308 27.76 -2.50 11.20
CA PHE B 308 26.57 -3.03 11.87
C PHE B 308 26.85 -4.25 12.73
N GLN B 309 26.28 -4.25 13.93
CA GLN B 309 26.42 -5.40 14.81
C GLN B 309 25.06 -5.75 15.40
N ILE B 310 24.62 -7.01 15.21
CA ILE B 310 23.44 -7.55 15.88
C ILE B 310 23.87 -8.14 17.24
N GLU B 311 23.11 -7.84 18.28
CA GLU B 311 23.47 -8.23 19.65
C GLU B 311 22.33 -8.98 20.29
N GLY B 312 22.64 -10.07 20.99
CA GLY B 312 21.60 -10.79 21.71
C GLY B 312 20.66 -11.57 20.81
N TYR B 313 21.14 -11.98 19.64
CA TYR B 313 20.34 -12.79 18.71
C TYR B 313 20.43 -14.25 19.12
N ASN B 314 19.30 -14.83 19.48
CA ASN B 314 19.25 -16.14 20.14
C ASN B 314 18.12 -17.00 19.50
N PRO B 315 18.25 -17.34 18.20
CA PRO B 315 17.12 -17.91 17.48
C PRO B 315 16.98 -19.41 17.65
N HIS B 316 15.79 -19.94 17.32
CA HIS B 316 15.58 -21.38 17.24
C HIS B 316 16.33 -21.87 16.00
N PRO B 317 16.49 -23.20 15.84
CA PRO B 317 17.27 -23.66 14.69
C PRO B 317 16.71 -23.22 13.33
N THR B 318 17.61 -23.14 12.36
CA THR B 318 17.31 -22.97 10.95
C THR B 318 16.24 -23.97 10.50
N ILE B 319 15.26 -23.44 9.76
CA ILE B 319 14.32 -24.24 8.99
C ILE B 319 14.61 -24.05 7.50
N LYS B 320 14.92 -25.14 6.81
CA LYS B 320 15.05 -25.09 5.35
C LYS B 320 13.66 -25.19 4.72
N MET B 321 13.27 -24.17 3.96
CA MET B 321 12.16 -24.35 3.01
C MET B 321 12.55 -24.12 1.54
N GLU B 322 11.95 -24.92 0.65
CA GLU B 322 11.67 -24.52 -0.76
C GLU B 322 11.21 -25.73 -1.56
N LEU C 1 10.58 9.92 -2.58
CA LEU C 1 9.34 10.74 -2.55
C LEU C 1 8.72 10.65 -3.95
N SER C 2 8.30 9.44 -4.34
CA SER C 2 8.21 9.05 -5.76
C SER C 2 7.09 8.09 -6.17
N CYS C 3 6.97 7.84 -7.48
CA CYS C 3 6.46 6.58 -8.06
C CYS C 3 5.72 6.48 -9.41
N GLN C 4 5.95 5.34 -10.05
CA GLN C 4 5.35 4.86 -11.32
C GLN C 4 5.86 5.34 -12.69
N LEU C 5 6.37 4.36 -13.44
CA LEU C 5 7.24 4.53 -14.63
C LEU C 5 7.47 5.87 -15.35
N TYR C 6 8.64 5.94 -15.99
CA TYR C 6 9.32 7.16 -16.46
C TYR C 6 8.46 8.31 -17.02
N GLN C 7 7.47 8.01 -17.83
CA GLN C 7 6.50 9.04 -18.22
C GLN C 7 5.54 9.23 -17.05
N ARG C 8 5.89 10.16 -16.15
CA ARG C 8 5.15 10.43 -14.92
C ARG C 8 4.99 9.17 -14.05
#